data_3GQM
#
_entry.id   3GQM
#
_cell.length_a   54.893
_cell.length_b   77.744
_cell.length_c   115.016
_cell.angle_alpha   90.00
_cell.angle_beta   90.00
_cell.angle_gamma   90.00
#
_symmetry.space_group_name_H-M   'P 21 21 21'
#
loop_
_entity.id
_entity.type
_entity.pdbx_description
1 polymer 'Cell Inhibiting Factor (CifBp)'
2 water water
#
_entity_poly.entity_id   1
_entity_poly.type   'polypeptide(L)'
_entity_poly.pdbx_seq_one_letter_code
;MGSSHHHHHHSSGLMITPIISSNLGLKHRVTLRKATLASLMQSLSGESSNRVMWNDRYDTLLIARDPREIKNAIEKSVTD
FGGLENYKELTGGADPFALMTPVCGLSANNIFKLMTEKDVPIDPTSIEYLENTSFAEHVNTLDSHKNYVVIVNDGRLGHK
FLIDLPALTQGPRTAYIIQSDLGGGALPAVRVEDWISRRGSDPVSLDELNQLLSKDFSKMPDDVQTRLLASILQIDKDPH
KVDIKKLHLDGKLRFASHEYDFRQFQRNAQYVAGLG
;
_entity_poly.pdbx_strand_id   A,B
#
# COMPACT_ATOMS: atom_id res chain seq x y z
N HIS A 28 4.13 -4.64 35.05
CA HIS A 28 3.62 -3.31 34.62
C HIS A 28 4.07 -3.05 33.21
N ARG A 29 4.09 -4.09 32.41
CA ARG A 29 4.19 -3.93 30.97
C ARG A 29 3.16 -2.95 30.43
N VAL A 30 1.97 -2.88 31.03
CA VAL A 30 0.96 -1.97 30.46
C VAL A 30 1.36 -0.50 30.61
N THR A 31 1.85 -0.16 31.80
CA THR A 31 2.33 1.16 32.10
C THR A 31 3.51 1.54 31.19
N LEU A 32 4.43 0.61 30.98
CA LEU A 32 5.60 0.91 30.12
C LEU A 32 5.20 1.09 28.64
N ARG A 33 4.34 0.19 28.17
CA ARG A 33 3.75 0.22 26.82
C ARG A 33 3.20 1.62 26.61
N LYS A 34 2.40 2.07 27.56
CA LYS A 34 1.77 3.40 27.45
C LYS A 34 2.79 4.52 27.29
N ALA A 35 3.83 4.48 28.15
CA ALA A 35 4.92 5.42 28.02
C ALA A 35 5.72 5.33 26.72
N THR A 36 6.01 4.13 26.23
CA THR A 36 6.69 3.98 24.96
C THR A 36 5.85 4.63 23.83
N LEU A 37 4.59 4.23 23.76
CA LEU A 37 3.69 4.78 22.74
C LEU A 37 3.63 6.30 22.89
N ALA A 38 3.49 6.83 24.11
CA ALA A 38 3.40 8.29 24.28
C ALA A 38 4.67 9.03 23.79
N SER A 39 5.85 8.59 24.20
CA SER A 39 7.06 9.30 23.76
C SER A 39 7.24 9.13 22.26
N LEU A 40 6.97 7.94 21.72
CA LEU A 40 6.97 7.76 20.26
C LEU A 40 6.11 8.77 19.51
N MET A 41 4.83 8.88 19.90
CA MET A 41 3.93 9.83 19.26
C MET A 41 4.38 11.30 19.36
N GLN A 42 4.92 11.69 20.51
CA GLN A 42 5.38 13.09 20.69
C GLN A 42 6.55 13.41 19.76
N SER A 43 7.36 12.42 19.45
CA SER A 43 8.59 12.65 18.65
C SER A 43 8.31 12.88 17.14
N LEU A 44 7.08 12.63 16.73
CA LEU A 44 6.72 12.58 15.31
C LEU A 44 6.51 13.99 14.78
N SER A 45 6.66 14.97 15.66
CA SER A 45 6.66 16.36 15.23
C SER A 45 8.07 16.65 14.73
N GLY A 46 9.02 15.78 15.11
CA GLY A 46 10.39 15.81 14.61
C GLY A 46 10.53 15.25 13.18
N GLU A 47 11.31 15.94 12.36
CA GLU A 47 11.44 15.62 10.94
C GLU A 47 12.01 14.24 10.77
N SER A 48 13.14 13.96 11.41
CA SER A 48 13.80 12.70 11.23
C SER A 48 12.94 11.53 11.75
N SER A 49 12.36 11.71 12.92
CA SER A 49 11.47 10.68 13.49
C SER A 49 10.27 10.42 12.56
N ASN A 50 9.59 11.49 12.16
CA ASN A 50 8.44 11.41 11.27
C ASN A 50 8.72 10.61 9.97
N ARG A 51 9.77 10.99 9.25
CA ARG A 51 10.15 10.31 7.98
C ARG A 51 10.58 8.85 8.14
N VAL A 52 11.30 8.57 9.21
CA VAL A 52 11.68 7.20 9.52
C VAL A 52 10.44 6.34 9.89
N MET A 53 9.52 6.90 10.64
CA MET A 53 8.28 6.19 11.07
C MET A 53 7.35 5.92 9.87
N TRP A 54 7.04 6.95 9.09
CA TRP A 54 6.02 6.90 8.06
C TRP A 54 6.68 6.87 6.67
N ASN A 55 7.11 5.69 6.25
CA ASN A 55 7.75 5.56 4.97
C ASN A 55 7.15 4.26 4.46
N ASP A 56 7.02 4.13 3.16
CA ASP A 56 6.36 2.94 2.61
C ASP A 56 7.30 1.88 2.04
N ARG A 57 8.58 1.92 2.40
CA ARG A 57 9.46 0.80 2.00
C ARG A 57 9.39 -0.24 3.09
N TYR A 58 8.92 -1.44 2.77
CA TYR A 58 8.64 -2.43 3.82
C TYR A 58 9.49 -3.69 3.77
N ASP A 59 10.38 -3.76 2.77
CA ASP A 59 11.24 -4.91 2.55
C ASP A 59 12.55 -4.74 3.27
N THR A 60 12.81 -3.52 3.77
CA THR A 60 13.95 -3.09 4.60
C THR A 60 13.51 -2.83 6.08
N LEU A 61 14.45 -2.98 7.01
CA LEU A 61 14.16 -2.81 8.44
C LEU A 61 13.73 -1.40 8.63
N LEU A 62 12.65 -1.20 9.40
CA LEU A 62 12.25 0.17 9.74
C LEU A 62 13.43 0.99 10.24
N ILE A 63 14.22 0.43 11.17
CA ILE A 63 15.24 1.24 11.86
C ILE A 63 16.46 1.41 10.96
N ALA A 64 16.54 0.68 9.86
CA ALA A 64 17.62 0.93 8.90
C ALA A 64 17.35 2.10 8.00
N ARG A 65 16.18 2.74 8.13
CA ARG A 65 15.83 3.93 7.32
C ARG A 65 16.67 5.16 7.64
N ASP A 66 17.23 5.76 6.59
CA ASP A 66 18.08 6.93 6.74
C ASP A 66 17.28 8.15 6.43
N PRO A 67 17.04 9.02 7.41
CA PRO A 67 16.22 10.21 7.22
C PRO A 67 16.84 11.25 6.26
N ARG A 68 18.18 11.34 6.20
CA ARG A 68 18.86 12.20 5.22
C ARG A 68 18.60 11.70 3.78
N GLU A 69 18.79 10.40 3.55
CA GLU A 69 18.53 9.81 2.26
C GLU A 69 17.05 9.95 1.83
N ILE A 70 16.13 9.73 2.77
CA ILE A 70 14.72 9.94 2.49
C ILE A 70 14.53 11.38 2.02
N LYS A 71 15.12 12.33 2.75
CA LYS A 71 14.96 13.73 2.41
C LYS A 71 15.55 14.01 1.04
N ASN A 72 16.72 13.44 0.76
CA ASN A 72 17.33 13.55 -0.58
C ASN A 72 16.49 12.93 -1.69
N ALA A 73 15.76 11.84 -1.38
CA ALA A 73 14.90 11.18 -2.34
C ALA A 73 13.73 12.08 -2.69
N ILE A 74 13.14 12.72 -1.67
CA ILE A 74 12.11 13.69 -1.94
C ILE A 74 12.64 14.87 -2.79
N GLU A 75 13.83 15.40 -2.43
CA GLU A 75 14.42 16.50 -3.23
C GLU A 75 14.54 16.05 -4.70
N LYS A 76 15.14 14.89 -4.90
CA LYS A 76 15.29 14.35 -6.24
C LYS A 76 13.96 14.28 -6.98
N SER A 77 12.97 13.67 -6.35
CA SER A 77 11.64 13.56 -6.96
C SER A 77 11.07 14.95 -7.35
N VAL A 78 11.27 15.94 -6.48
CA VAL A 78 10.70 17.26 -6.73
C VAL A 78 11.40 17.87 -7.96
N THR A 79 12.71 17.66 -8.05
CA THR A 79 13.48 18.11 -9.20
C THR A 79 12.99 17.43 -10.48
N ASP A 80 12.81 16.11 -10.42
CA ASP A 80 12.25 15.37 -11.55
C ASP A 80 11.02 16.12 -12.04
N PHE A 81 10.25 16.65 -11.11
CA PHE A 81 9.00 17.32 -11.47
C PHE A 81 9.14 18.77 -11.86
N GLY A 82 10.39 19.26 -11.94
CA GLY A 82 10.68 20.63 -12.36
C GLY A 82 10.43 21.63 -11.26
N GLY A 83 10.81 21.26 -10.04
CA GLY A 83 10.69 22.17 -8.90
C GLY A 83 9.42 22.04 -8.10
N LEU A 84 9.51 22.56 -6.89
CA LEU A 84 8.45 22.44 -5.90
C LEU A 84 7.11 23.04 -6.30
N GLU A 85 7.10 24.25 -6.88
CA GLU A 85 5.81 24.87 -7.21
C GLU A 85 5.10 24.14 -8.37
N ASN A 86 5.90 23.59 -9.27
CA ASN A 86 5.44 22.62 -10.27
C ASN A 86 4.97 21.27 -9.73
N TYR A 87 5.68 20.77 -8.72
CA TYR A 87 5.34 19.50 -8.11
C TYR A 87 3.93 19.55 -7.50
N LYS A 88 3.60 20.67 -6.87
CA LYS A 88 2.27 20.83 -6.31
C LYS A 88 1.19 20.78 -7.40
N GLU A 89 1.45 21.44 -8.53
CA GLU A 89 0.49 21.51 -9.63
C GLU A 89 0.09 20.13 -10.11
N LEU A 90 1.06 19.25 -10.26
CA LEU A 90 0.83 17.95 -10.90
C LEU A 90 0.51 16.77 -9.94
N THR A 91 0.49 17.03 -8.62
CA THR A 91 0.18 15.99 -7.62
C THR A 91 -0.82 16.43 -6.52
N GLY A 92 -1.61 17.46 -6.81
CA GLY A 92 -2.71 17.85 -5.94
C GLY A 92 -2.48 19.05 -5.05
N GLY A 93 -1.22 19.45 -4.90
CA GLY A 93 -0.89 20.62 -4.09
C GLY A 93 -0.14 20.28 -2.81
N ALA A 94 0.29 19.03 -2.68
CA ALA A 94 0.96 18.60 -1.46
C ALA A 94 2.43 18.98 -1.44
N ASP A 95 2.85 19.62 -0.36
CA ASP A 95 4.27 19.83 -0.14
C ASP A 95 4.87 18.52 0.32
N PRO A 96 5.67 17.91 -0.55
CA PRO A 96 6.30 16.64 -0.27
C PRO A 96 7.31 16.72 0.88
N PHE A 97 7.72 17.92 1.33
CA PHE A 97 8.59 17.96 2.53
C PHE A 97 7.86 18.03 3.86
N ALA A 98 6.55 18.17 3.82
CA ALA A 98 5.78 18.34 5.05
C ALA A 98 5.77 17.06 5.86
N LEU A 99 5.55 17.19 7.16
CA LEU A 99 5.56 16.00 7.99
C LEU A 99 4.18 15.38 7.83
N MET A 100 4.13 14.08 7.97
CA MET A 100 2.86 13.47 7.68
C MET A 100 2.17 12.88 8.90
N THR A 101 0.84 12.86 8.86
CA THR A 101 0.09 11.97 9.73
C THR A 101 -0.51 10.90 8.80
N PRO A 102 -0.23 9.63 9.07
CA PRO A 102 -0.42 8.53 8.11
C PRO A 102 -1.88 8.04 7.98
N VAL A 103 -2.30 7.69 6.75
CA VAL A 103 -3.52 6.89 6.48
C VAL A 103 -3.41 5.50 7.11
N CYS A 104 -4.52 4.78 7.18
CA CYS A 104 -4.62 3.55 7.97
C CYS A 104 -3.61 2.47 7.60
N GLY A 105 -3.44 2.20 6.32
CA GLY A 105 -2.50 1.13 5.87
C GLY A 105 -1.06 1.45 6.25
N LEU A 106 -0.70 2.72 6.10
CA LEU A 106 0.64 3.19 6.37
C LEU A 106 0.95 3.21 7.87
N SER A 107 -0.03 3.59 8.71
CA SER A 107 0.17 3.55 10.17
C SER A 107 0.26 2.11 10.69
N ALA A 108 -0.65 1.25 10.23
CA ALA A 108 -0.67 -0.13 10.68
C ALA A 108 0.59 -0.89 10.19
N ASN A 109 0.94 -0.72 8.92
CA ASN A 109 2.12 -1.40 8.37
C ASN A 109 3.42 -1.03 9.13
N ASN A 110 3.63 0.25 9.35
CA ASN A 110 4.83 0.73 10.05
C ASN A 110 4.90 0.46 11.55
N ILE A 111 3.79 0.66 12.27
CA ILE A 111 3.78 0.28 13.71
C ILE A 111 3.92 -1.24 13.90
N PHE A 112 3.34 -2.01 12.98
CA PHE A 112 3.57 -3.46 12.96
C PHE A 112 5.08 -3.80 12.84
N LYS A 113 5.79 -3.22 11.85
CA LYS A 113 7.23 -3.40 11.72
C LYS A 113 7.93 -2.93 12.99
N LEU A 114 7.59 -1.73 13.48
CA LEU A 114 8.19 -1.24 14.75
C LEU A 114 8.08 -2.24 15.90
N MET A 115 6.94 -2.87 16.04
CA MET A 115 6.73 -3.79 17.17
C MET A 115 7.48 -5.14 17.02
N THR A 116 7.52 -5.68 15.79
CA THR A 116 7.91 -7.06 15.54
C THR A 116 9.35 -7.24 15.08
N GLU A 117 10.01 -6.21 14.57
CA GLU A 117 11.34 -6.39 13.93
C GLU A 117 12.48 -6.39 14.96
N LYS A 118 13.52 -7.13 14.64
CA LYS A 118 14.73 -7.07 15.43
C LYS A 118 15.82 -6.74 14.41
N ASP A 119 16.32 -7.79 13.76
CA ASP A 119 17.39 -7.64 12.79
C ASP A 119 17.02 -8.25 11.43
N VAL A 120 15.87 -8.94 11.35
CA VAL A 120 15.34 -9.48 10.08
C VAL A 120 14.10 -8.67 9.63
N PRO A 121 14.15 -8.00 8.47
CA PRO A 121 13.05 -7.17 7.95
C PRO A 121 11.76 -7.97 7.79
N ILE A 122 10.62 -7.35 8.09
CA ILE A 122 9.32 -7.99 7.89
C ILE A 122 8.46 -7.06 7.04
N ASP A 123 7.85 -7.62 6.01
CA ASP A 123 7.04 -6.88 5.11
C ASP A 123 5.64 -7.32 5.41
N PRO A 124 4.90 -6.49 6.17
CA PRO A 124 3.55 -6.84 6.56
C PRO A 124 2.67 -6.91 5.34
N THR A 125 3.06 -6.35 4.19
CA THR A 125 2.19 -6.49 2.99
C THR A 125 2.28 -7.88 2.35
N SER A 126 3.31 -8.66 2.73
CA SER A 126 3.54 -9.97 2.12
C SER A 126 3.35 -11.18 3.05
N ILE A 127 3.25 -10.94 4.36
CA ILE A 127 2.97 -12.06 5.27
C ILE A 127 1.66 -12.80 4.91
N GLU A 128 1.46 -13.99 5.47
CA GLU A 128 0.26 -14.77 5.22
C GLU A 128 -0.94 -14.29 6.06
N TYR A 129 -2.05 -13.94 5.40
CA TYR A 129 -3.29 -13.57 6.09
C TYR A 129 -4.26 -14.74 6.15
N LEU A 130 -5.06 -14.82 7.21
CA LEU A 130 -6.08 -15.85 7.35
C LEU A 130 -7.43 -15.25 6.96
N GLU A 131 -8.18 -15.92 6.10
CA GLU A 131 -9.44 -15.34 5.60
C GLU A 131 -10.72 -15.98 6.12
N ASN A 132 -10.62 -17.23 6.59
CA ASN A 132 -11.79 -18.01 6.99
C ASN A 132 -11.68 -18.55 8.41
N THR A 133 -10.95 -17.81 9.25
CA THR A 133 -10.77 -18.17 10.64
C THR A 133 -11.50 -17.11 11.42
N SER A 134 -12.22 -17.55 12.46
CA SER A 134 -12.75 -16.59 13.42
C SER A 134 -11.56 -16.07 14.26
N PHE A 135 -11.70 -14.82 14.71
CA PHE A 135 -10.71 -14.24 15.57
C PHE A 135 -10.58 -15.03 16.90
N ALA A 136 -11.70 -15.45 17.48
CA ALA A 136 -11.66 -16.23 18.72
C ALA A 136 -10.88 -17.52 18.53
N GLU A 137 -11.10 -18.17 17.40
CA GLU A 137 -10.47 -19.44 17.11
C GLU A 137 -8.98 -19.21 17.12
N HIS A 138 -8.57 -18.19 16.36
CA HIS A 138 -7.15 -17.88 16.22
C HIS A 138 -6.47 -17.51 17.55
N VAL A 139 -7.06 -16.58 18.30
CA VAL A 139 -6.48 -16.15 19.58
C VAL A 139 -6.32 -17.33 20.53
N ASN A 140 -7.28 -18.25 20.52
CA ASN A 140 -7.20 -19.43 21.36
C ASN A 140 -6.04 -20.36 21.04
N THR A 141 -5.37 -20.15 19.90
CA THR A 141 -4.19 -20.94 19.56
C THR A 141 -2.87 -20.25 19.96
N LEU A 142 -2.93 -18.98 20.38
CA LEU A 142 -1.72 -18.20 20.67
C LEU A 142 -1.09 -18.51 22.03
N ASP A 143 0.24 -18.51 22.08
CA ASP A 143 0.97 -18.82 23.31
C ASP A 143 0.62 -17.77 24.38
N SER A 144 0.11 -18.24 25.51
CA SER A 144 -0.23 -17.39 26.67
C SER A 144 0.94 -16.56 27.17
N HIS A 145 2.17 -17.00 26.93
CA HIS A 145 3.29 -16.25 27.43
C HIS A 145 3.96 -15.37 26.41
N LYS A 146 3.44 -15.35 25.20
CA LYS A 146 4.00 -14.51 24.17
C LYS A 146 3.12 -13.25 23.90
N ASN A 147 3.77 -12.16 23.49
CA ASN A 147 3.07 -11.00 22.92
C ASN A 147 2.80 -11.24 21.43
N TYR A 148 1.63 -10.83 20.97
CA TYR A 148 1.33 -10.87 19.55
C TYR A 148 0.71 -9.57 19.20
N VAL A 149 0.91 -9.19 17.95
CA VAL A 149 0.15 -8.11 17.33
C VAL A 149 -0.52 -8.68 16.07
N VAL A 150 -1.79 -8.31 15.84
CA VAL A 150 -2.58 -8.82 14.73
C VAL A 150 -2.85 -7.66 13.82
N ILE A 151 -2.55 -7.83 12.54
CA ILE A 151 -2.82 -6.76 11.58
C ILE A 151 -4.08 -7.16 10.83
N VAL A 152 -5.00 -6.21 10.76
CA VAL A 152 -6.29 -6.52 10.21
C VAL A 152 -6.53 -5.71 8.98
N ASN A 153 -6.92 -6.44 7.95
CA ASN A 153 -7.33 -5.86 6.71
C ASN A 153 -8.86 -6.09 6.52
N ASP A 154 -9.64 -5.08 6.91
CA ASP A 154 -11.08 -5.18 6.94
C ASP A 154 -11.78 -4.60 5.73
N GLY A 155 -12.12 -5.46 4.74
CA GLY A 155 -12.88 -5.06 3.52
C GLY A 155 -14.32 -4.49 3.71
N ARG A 156 -14.94 -4.76 4.85
CA ARG A 156 -16.32 -4.32 5.06
C ARG A 156 -16.21 -2.86 5.35
N LEU A 157 -15.22 -2.57 6.18
CA LEU A 157 -14.92 -1.22 6.62
C LEU A 157 -14.05 -0.50 5.62
N GLY A 158 -13.31 -1.24 4.81
CA GLY A 158 -12.24 -0.63 3.97
C GLY A 158 -11.14 -0.06 4.87
N HIS A 159 -10.72 -0.81 5.89
CA HIS A 159 -9.85 -0.27 6.94
C HIS A 159 -8.82 -1.28 7.34
N LYS A 160 -7.66 -0.79 7.69
CA LYS A 160 -6.53 -1.57 8.18
C LYS A 160 -6.17 -1.01 9.56
N PHE A 161 -5.94 -1.89 10.53
CA PHE A 161 -5.64 -1.46 11.89
C PHE A 161 -4.96 -2.63 12.63
N LEU A 162 -4.44 -2.35 13.80
CA LEU A 162 -3.75 -3.37 14.57
C LEU A 162 -4.51 -3.66 15.87
N ILE A 163 -4.45 -4.93 16.28
CA ILE A 163 -4.83 -5.36 17.60
C ILE A 163 -3.56 -5.81 18.33
N ASP A 164 -3.22 -5.13 19.42
CA ASP A 164 -2.06 -5.50 20.23
C ASP A 164 -2.51 -6.47 21.37
N LEU A 165 -1.87 -7.61 21.45
CA LEU A 165 -2.17 -8.64 22.47
C LEU A 165 -0.93 -8.91 23.34
N PRO A 166 -0.59 -7.97 24.23
CA PRO A 166 0.61 -8.24 25.02
C PRO A 166 0.32 -9.33 26.03
N ALA A 167 1.34 -10.11 26.40
CA ALA A 167 1.12 -11.03 27.54
C ALA A 167 1.19 -10.26 28.87
N LEU A 168 0.15 -10.43 29.68
CA LEU A 168 0.04 -9.80 31.02
C LEU A 168 0.06 -10.84 32.15
N THR A 169 1.06 -10.72 33.02
CA THR A 169 1.30 -11.67 34.14
C THR A 169 0.08 -11.80 35.08
N GLN A 170 -0.35 -13.05 35.30
CA GLN A 170 -1.54 -13.37 36.12
C GLN A 170 -2.72 -12.44 35.78
N GLY A 171 -2.69 -11.90 34.57
CA GLY A 171 -3.79 -11.09 34.05
C GLY A 171 -4.46 -11.78 32.88
N PRO A 172 -5.65 -11.28 32.49
CA PRO A 172 -6.41 -11.86 31.36
C PRO A 172 -5.73 -11.48 30.04
N ARG A 173 -5.97 -12.26 28.97
CA ARG A 173 -5.57 -11.87 27.60
C ARG A 173 -6.34 -10.60 27.28
N THR A 174 -5.60 -9.57 26.97
CA THR A 174 -6.06 -8.20 26.86
C THR A 174 -5.68 -7.70 25.50
N ALA A 175 -6.51 -6.83 24.95
CA ALA A 175 -6.36 -6.36 23.58
C ALA A 175 -6.45 -4.86 23.58
N TYR A 176 -5.61 -4.21 22.79
CA TYR A 176 -5.66 -2.78 22.56
C TYR A 176 -5.70 -2.53 21.03
N ILE A 177 -6.30 -1.42 20.63
CA ILE A 177 -6.35 -1.01 19.23
C ILE A 177 -5.28 0.04 18.93
N ILE A 178 -4.60 -0.13 17.81
CA ILE A 178 -3.78 0.93 17.24
C ILE A 178 -4.27 1.18 15.79
N GLN A 179 -4.60 2.42 15.44
CA GLN A 179 -5.08 2.73 14.08
C GLN A 179 -4.91 4.20 13.80
N SER A 180 -5.01 4.57 12.51
CA SER A 180 -5.35 5.95 12.16
C SER A 180 -6.45 5.76 11.11
N ASP A 181 -7.18 6.84 10.76
CA ASP A 181 -8.26 6.78 9.72
C ASP A 181 -8.44 8.20 9.16
N LEU A 182 -8.33 8.35 7.85
CA LEU A 182 -8.58 9.65 7.20
C LEU A 182 -10.05 9.96 7.06
N GLY A 183 -10.87 8.97 7.39
CA GLY A 183 -12.31 9.11 7.34
C GLY A 183 -12.81 8.75 5.96
N GLY A 184 -14.12 8.92 5.75
CA GLY A 184 -14.70 8.60 4.46
C GLY A 184 -15.51 7.34 4.41
N GLY A 185 -15.26 6.41 5.35
CA GLY A 185 -16.09 5.21 5.48
C GLY A 185 -17.06 5.29 6.65
N ALA A 186 -17.35 4.14 7.27
CA ALA A 186 -18.27 4.06 8.40
C ALA A 186 -17.75 4.87 9.62
N LEU A 187 -16.43 5.04 9.73
CA LEU A 187 -15.81 5.65 10.91
C LEU A 187 -15.36 7.09 10.63
N PRO A 188 -15.45 7.96 11.62
CA PRO A 188 -14.89 9.29 11.45
C PRO A 188 -13.35 9.24 11.37
N ALA A 189 -12.77 10.32 10.83
CA ALA A 189 -11.33 10.46 10.75
C ALA A 189 -10.69 10.49 12.14
N VAL A 190 -9.57 9.79 12.29
CA VAL A 190 -8.77 9.89 13.54
C VAL A 190 -7.28 9.77 13.25
N ARG A 191 -6.49 10.69 13.79
CA ARG A 191 -5.04 10.69 13.64
C ARG A 191 -4.51 9.59 14.58
N VAL A 192 -3.44 8.91 14.22
CA VAL A 192 -2.84 7.90 15.14
C VAL A 192 -2.46 8.56 16.50
N GLU A 193 -1.94 9.79 16.47
CA GLU A 193 -1.51 10.46 17.72
C GLU A 193 -2.69 10.64 18.68
N ASP A 194 -3.85 11.07 18.16
CA ASP A 194 -5.02 11.30 18.98
C ASP A 194 -5.55 9.96 19.47
N TRP A 195 -5.61 8.98 18.56
CA TRP A 195 -6.08 7.66 18.94
C TRP A 195 -5.27 7.10 20.11
N ILE A 196 -3.95 7.13 19.94
CA ILE A 196 -3.07 6.60 20.98
C ILE A 196 -3.23 7.42 22.27
N SER A 197 -3.30 8.73 22.16
CA SER A 197 -3.44 9.54 23.38
C SER A 197 -4.77 9.31 24.16
N ARG A 198 -5.88 9.14 23.46
CA ARG A 198 -7.15 8.92 24.16
C ARG A 198 -7.46 7.47 24.45
N ARG A 199 -7.14 6.57 23.52
CA ARG A 199 -7.55 5.17 23.64
C ARG A 199 -6.46 4.08 23.51
N GLY A 200 -5.21 4.54 23.39
CA GLY A 200 -4.06 3.64 23.15
C GLY A 200 -3.84 2.60 24.26
N SER A 201 -4.26 2.88 25.49
CA SER A 201 -4.16 1.91 26.62
C SER A 201 -5.51 1.54 27.15
N ASP A 202 -6.53 1.66 26.31
CA ASP A 202 -7.88 1.29 26.66
C ASP A 202 -8.17 -0.12 26.25
N PRO A 203 -8.25 -1.06 27.20
CA PRO A 203 -8.45 -2.46 26.73
C PRO A 203 -9.80 -2.61 26.02
N VAL A 204 -9.80 -3.47 25.00
CA VAL A 204 -10.97 -3.75 24.21
C VAL A 204 -11.44 -5.18 24.47
N SER A 205 -12.76 -5.37 24.40
CA SER A 205 -13.36 -6.67 24.61
C SER A 205 -12.96 -7.67 23.50
N LEU A 206 -12.30 -8.78 23.86
CA LEU A 206 -12.04 -9.85 22.87
C LEU A 206 -13.35 -10.41 22.29
N ASP A 207 -14.37 -10.39 23.13
CA ASP A 207 -15.75 -10.69 22.79
C ASP A 207 -16.32 -9.82 21.70
N GLU A 208 -16.29 -8.51 21.91
CA GLU A 208 -16.75 -7.63 20.86
C GLU A 208 -15.89 -7.75 19.60
N LEU A 209 -14.57 -7.85 19.77
CA LEU A 209 -13.67 -8.02 18.62
C LEU A 209 -14.04 -9.28 17.82
N ASN A 210 -14.33 -10.37 18.54
CA ASN A 210 -14.73 -11.59 17.85
C ASN A 210 -15.99 -11.40 16.99
N GLN A 211 -16.95 -10.65 17.52
CA GLN A 211 -18.20 -10.32 16.80
C GLN A 211 -17.96 -9.40 15.62
N LEU A 212 -17.18 -8.33 15.84
CA LEU A 212 -16.81 -7.42 14.77
C LEU A 212 -16.16 -8.17 13.62
N LEU A 213 -15.27 -9.06 13.95
CA LEU A 213 -14.41 -9.67 12.97
C LEU A 213 -15.08 -10.90 12.36
N SER A 214 -16.35 -11.15 12.59
CA SER A 214 -16.88 -12.41 12.06
C SER A 214 -17.51 -12.16 10.70
N LYS A 215 -17.72 -13.25 9.98
CA LYS A 215 -18.49 -13.16 8.74
C LYS A 215 -19.88 -12.60 9.03
N ASP A 216 -20.52 -13.04 10.09
CA ASP A 216 -21.89 -12.62 10.35
C ASP A 216 -22.05 -11.13 10.60
N PHE A 217 -20.95 -10.41 10.82
CA PHE A 217 -21.02 -9.00 11.10
C PHE A 217 -21.82 -8.25 10.05
N SER A 218 -21.64 -8.62 8.79
CA SER A 218 -22.40 -7.98 7.69
C SER A 218 -23.94 -8.08 7.85
N LYS A 219 -24.41 -9.11 8.55
CA LYS A 219 -25.87 -9.27 8.72
C LYS A 219 -26.47 -8.80 10.03
N MET A 220 -25.65 -8.14 10.86
CA MET A 220 -26.09 -7.81 12.17
C MET A 220 -26.90 -6.53 12.06
N PRO A 221 -27.86 -6.34 12.98
CA PRO A 221 -28.69 -5.13 12.94
C PRO A 221 -27.90 -3.85 13.01
N ASP A 222 -28.53 -2.78 12.54
CA ASP A 222 -27.93 -1.47 12.48
C ASP A 222 -27.30 -1.08 13.82
N ASP A 223 -28.07 -1.27 14.91
CA ASP A 223 -27.69 -0.79 16.23
C ASP A 223 -26.54 -1.59 16.82
N VAL A 224 -26.53 -2.88 16.52
CA VAL A 224 -25.46 -3.78 16.89
C VAL A 224 -24.15 -3.36 16.15
N GLN A 225 -24.22 -3.21 14.83
CA GLN A 225 -23.04 -2.77 14.02
C GLN A 225 -22.51 -1.43 14.45
N THR A 226 -23.39 -0.44 14.53
CA THR A 226 -23.06 0.88 15.03
C THR A 226 -22.39 0.84 16.42
N ARG A 227 -22.92 0.04 17.35
CA ARG A 227 -22.33 0.03 18.69
C ARG A 227 -21.00 -0.74 18.76
N LEU A 228 -20.88 -1.83 18.02
CA LEU A 228 -19.62 -2.56 18.00
C LEU A 228 -18.52 -1.65 17.45
N LEU A 229 -18.82 -0.98 16.33
CA LEU A 229 -17.88 -0.09 15.68
C LEU A 229 -17.45 1.08 16.56
N ALA A 230 -18.44 1.76 17.15
CA ALA A 230 -18.17 2.89 18.02
C ALA A 230 -17.37 2.44 19.23
N SER A 231 -17.68 1.27 19.75
CA SER A 231 -17.05 0.81 20.98
C SER A 231 -15.57 0.42 20.79
N ILE A 232 -15.27 -0.21 19.66
CA ILE A 232 -13.96 -0.70 19.39
C ILE A 232 -13.09 0.37 18.70
N LEU A 233 -13.67 1.15 17.80
CA LEU A 233 -12.88 1.94 16.84
C LEU A 233 -13.14 3.44 16.89
N GLN A 234 -14.10 3.91 17.69
CA GLN A 234 -14.36 5.36 17.68
C GLN A 234 -13.85 5.96 18.99
N ILE A 235 -13.20 7.11 18.86
CA ILE A 235 -12.36 7.67 19.90
C ILE A 235 -13.16 8.07 21.13
N ASP A 236 -14.44 8.43 20.95
CA ASP A 236 -15.32 8.71 22.08
C ASP A 236 -16.35 7.61 22.30
N LYS A 237 -16.19 6.46 21.63
CA LYS A 237 -17.18 5.37 21.69
C LYS A 237 -18.60 5.89 21.36
N ASP A 238 -18.66 6.81 20.40
CA ASP A 238 -19.92 7.50 20.10
C ASP A 238 -20.66 6.90 18.89
N PRO A 239 -21.70 6.06 19.13
CA PRO A 239 -22.38 5.46 17.97
C PRO A 239 -23.01 6.49 17.01
N HIS A 240 -23.22 7.72 17.45
CA HIS A 240 -23.78 8.72 16.55
C HIS A 240 -22.77 9.21 15.56
N LYS A 241 -21.50 8.90 15.83
CA LYS A 241 -20.37 9.19 14.91
C LYS A 241 -20.12 8.12 13.85
N VAL A 242 -20.89 7.05 13.86
CA VAL A 242 -20.68 5.92 12.97
C VAL A 242 -21.73 5.90 11.82
N ASP A 243 -21.30 5.68 10.57
CA ASP A 243 -22.24 5.61 9.45
C ASP A 243 -22.25 4.21 8.84
N ILE A 244 -23.13 3.33 9.30
CA ILE A 244 -23.10 1.96 8.76
C ILE A 244 -23.49 1.85 7.27
N LYS A 245 -24.12 2.88 6.70
CA LYS A 245 -24.41 2.90 5.27
C LYS A 245 -23.14 2.90 4.41
N LYS A 246 -21.97 3.15 5.00
CA LYS A 246 -20.72 3.11 4.24
C LYS A 246 -20.05 1.73 4.26
N LEU A 247 -20.62 0.80 4.99
CA LEU A 247 -20.08 -0.55 5.03
C LEU A 247 -20.18 -1.25 3.70
N HIS A 248 -19.15 -2.01 3.35
CA HIS A 248 -19.24 -2.86 2.18
C HIS A 248 -19.57 -4.23 2.67
N LEU A 249 -20.87 -4.51 2.70
CA LEU A 249 -21.38 -5.74 3.31
C LEU A 249 -20.81 -7.01 2.65
N ASP A 250 -20.32 -6.89 1.42
CA ASP A 250 -19.67 -8.01 0.71
C ASP A 250 -18.16 -7.99 0.85
N GLY A 251 -17.62 -6.99 1.54
CA GLY A 251 -16.17 -6.86 1.72
C GLY A 251 -15.62 -8.06 2.46
N LYS A 252 -14.39 -8.44 2.18
CA LYS A 252 -13.79 -9.56 2.93
C LYS A 252 -13.05 -9.13 4.23
N LEU A 253 -12.87 -10.05 5.15
CA LEU A 253 -12.05 -9.79 6.34
C LEU A 253 -10.85 -10.71 6.35
N ARG A 254 -9.62 -10.16 6.38
CA ARG A 254 -8.40 -10.98 6.51
C ARG A 254 -7.57 -10.45 7.70
N PHE A 255 -6.81 -11.34 8.34
CA PHE A 255 -5.94 -10.88 9.42
C PHE A 255 -4.74 -11.79 9.60
N ALA A 256 -3.65 -11.24 10.15
CA ALA A 256 -2.42 -11.99 10.33
C ALA A 256 -1.89 -11.65 11.70
N SER A 257 -1.30 -12.61 12.40
CA SER A 257 -0.73 -12.30 13.72
C SER A 257 0.75 -12.60 13.71
N HIS A 258 1.50 -12.03 14.64
CA HIS A 258 2.95 -12.19 14.65
C HIS A 258 3.42 -11.91 16.05
N GLU A 259 4.24 -12.78 16.60
CA GLU A 259 4.81 -12.53 17.91
C GLU A 259 5.71 -11.32 17.89
N TYR A 260 5.87 -10.71 19.07
CA TYR A 260 6.90 -9.71 19.26
C TYR A 260 7.51 -9.80 20.64
N ASP A 261 8.77 -9.41 20.69
CA ASP A 261 9.47 -9.18 21.93
C ASP A 261 9.16 -7.79 22.46
N PHE A 262 8.59 -7.69 23.65
CA PHE A 262 8.34 -6.36 24.21
C PHE A 262 9.52 -5.40 24.36
N ARG A 263 10.65 -5.90 24.82
CA ARG A 263 11.84 -5.02 24.98
C ARG A 263 12.38 -4.57 23.63
N GLN A 264 12.28 -5.43 22.63
CA GLN A 264 12.74 -5.06 21.24
C GLN A 264 11.88 -3.94 20.72
N PHE A 265 10.55 -4.07 20.93
CA PHE A 265 9.60 -2.99 20.61
C PHE A 265 9.99 -1.64 21.24
N GLN A 266 10.22 -1.66 22.54
CA GLN A 266 10.63 -0.47 23.30
C GLN A 266 11.90 0.05 22.70
N ARG A 267 12.81 -0.86 22.43
CA ARG A 267 14.10 -0.49 21.89
C ARG A 267 13.94 0.15 20.48
N ASN A 268 13.16 -0.44 19.61
CA ASN A 268 12.91 0.19 18.28
C ASN A 268 12.30 1.54 18.42
N ALA A 269 11.31 1.65 19.33
CA ALA A 269 10.62 2.95 19.42
C ALA A 269 11.52 4.04 20.00
N GLN A 270 12.42 3.64 20.92
CA GLN A 270 13.33 4.60 21.57
C GLN A 270 14.28 5.15 20.52
N TYR A 271 14.83 4.25 19.73
CA TYR A 271 15.68 4.63 18.64
C TYR A 271 14.98 5.68 17.75
N VAL A 272 13.77 5.37 17.29
CA VAL A 272 13.05 6.25 16.39
C VAL A 272 12.75 7.57 17.06
N ALA A 273 12.32 7.49 18.32
CA ALA A 273 12.10 8.68 19.09
C ALA A 273 13.40 9.46 19.33
N GLY A 274 14.56 8.82 19.18
CA GLY A 274 15.84 9.47 19.51
C GLY A 274 16.10 10.61 18.54
N LEU A 275 15.02 11.05 17.89
CA LEU A 275 15.03 11.88 16.69
C LEU A 275 16.09 11.33 15.82
N GLY A 276 15.96 10.04 15.56
CA GLY A 276 16.83 9.27 14.69
C GLY A 276 16.18 7.97 14.31
N HIS B 28 -2.40 -7.40 -35.81
CA HIS B 28 -3.39 -6.40 -35.33
C HIS B 28 -3.52 -6.36 -33.80
N ARG B 29 -3.05 -7.39 -33.10
CA ARG B 29 -3.14 -7.39 -31.63
C ARG B 29 -2.27 -6.34 -30.95
N VAL B 30 -1.08 -6.07 -31.50
CA VAL B 30 -0.21 -5.00 -30.97
C VAL B 30 -0.87 -3.62 -31.08
N THR B 31 -1.48 -3.34 -32.24
CA THR B 31 -2.15 -2.05 -32.45
C THR B 31 -3.35 -1.90 -31.53
N LEU B 32 -4.16 -2.95 -31.43
CA LEU B 32 -5.34 -2.91 -30.60
C LEU B 32 -4.97 -2.70 -29.13
N ARG B 33 -3.93 -3.40 -28.69
CA ARG B 33 -3.40 -3.27 -27.32
C ARG B 33 -2.98 -1.80 -27.02
N LYS B 34 -2.13 -1.24 -27.90
CA LYS B 34 -1.71 0.13 -27.79
C LYS B 34 -2.92 1.09 -27.78
N ALA B 35 -3.86 0.90 -28.72
CA ALA B 35 -5.01 1.82 -28.75
C ALA B 35 -5.86 1.73 -27.45
N THR B 36 -6.01 0.53 -26.90
CA THR B 36 -6.78 0.35 -25.69
C THR B 36 -6.13 1.12 -24.51
N LEU B 37 -4.81 0.95 -24.40
CA LEU B 37 -4.01 1.62 -23.42
C LEU B 37 -4.08 3.13 -23.57
N ALA B 38 -3.87 3.66 -24.78
CA ALA B 38 -3.98 5.12 -25.01
C ALA B 38 -5.36 5.63 -24.66
N SER B 39 -6.37 4.85 -25.05
CA SER B 39 -7.73 5.24 -24.84
C SER B 39 -8.02 5.36 -23.35
N LEU B 40 -7.63 4.33 -22.61
CA LEU B 40 -7.72 4.35 -21.17
C LEU B 40 -6.99 5.55 -20.54
N MET B 41 -5.70 5.71 -20.84
CA MET B 41 -4.92 6.83 -20.33
C MET B 41 -5.56 8.20 -20.58
N GLN B 42 -6.08 8.43 -21.79
N GLN B 42 -6.07 8.41 -21.80
CA GLN B 42 -6.70 9.72 -22.12
CA GLN B 42 -6.70 9.67 -22.15
C GLN B 42 -7.98 9.95 -21.32
C GLN B 42 -7.92 9.94 -21.26
N SER B 43 -8.65 8.89 -20.89
CA SER B 43 -9.90 9.03 -20.10
C SER B 43 -9.67 9.54 -18.66
N LEU B 44 -8.43 9.43 -18.19
CA LEU B 44 -8.10 9.65 -16.80
C LEU B 44 -8.02 11.11 -16.39
N SER B 45 -8.16 12.00 -17.37
CA SER B 45 -8.34 13.41 -17.13
C SER B 45 -9.79 13.64 -16.77
N GLY B 46 -10.59 12.56 -16.80
CA GLY B 46 -11.99 12.59 -16.38
C GLY B 46 -12.09 12.15 -14.92
N GLU B 47 -12.89 12.91 -14.17
CA GLU B 47 -13.03 12.77 -12.73
C GLU B 47 -13.43 11.36 -12.33
N SER B 48 -14.55 10.88 -12.86
CA SER B 48 -15.05 9.55 -12.52
C SER B 48 -14.13 8.46 -12.99
N SER B 49 -13.64 8.58 -14.23
CA SER B 49 -12.67 7.61 -14.72
C SER B 49 -11.45 7.56 -13.82
N ASN B 50 -10.90 8.75 -13.52
CA ASN B 50 -9.72 8.85 -12.68
C ASN B 50 -9.89 8.20 -11.31
N ARG B 51 -11.01 8.48 -10.64
CA ARG B 51 -11.18 8.03 -9.26
C ARG B 51 -11.51 6.55 -9.19
N VAL B 52 -12.14 6.00 -10.25
CA VAL B 52 -12.45 4.56 -10.29
C VAL B 52 -11.17 3.79 -10.61
N MET B 53 -10.34 4.39 -11.45
CA MET B 53 -9.09 3.71 -11.87
C MET B 53 -8.10 3.59 -10.70
N TRP B 54 -7.86 4.69 -10.00
CA TRP B 54 -6.77 4.72 -9.05
C TRP B 54 -7.30 4.72 -7.61
N ASN B 55 -8.08 3.70 -7.25
CA ASN B 55 -8.62 3.59 -5.89
C ASN B 55 -7.90 2.41 -5.30
N ASP B 56 -7.77 2.35 -3.97
CA ASP B 56 -7.02 1.28 -3.37
C ASP B 56 -7.85 0.18 -2.75
N ARG B 57 -9.12 0.03 -3.08
CA ARG B 57 -9.75 -1.18 -2.54
C ARG B 57 -9.61 -2.33 -3.53
N TYR B 58 -8.83 -3.31 -3.10
CA TYR B 58 -8.41 -4.34 -3.97
C TYR B 58 -9.22 -5.60 -3.80
N ASP B 59 -9.96 -5.70 -2.69
CA ASP B 59 -10.72 -6.89 -2.34
C ASP B 59 -12.03 -7.00 -3.12
N THR B 60 -12.30 -5.99 -3.93
CA THR B 60 -13.53 -5.90 -4.71
C THR B 60 -13.10 -5.72 -6.21
N LEU B 61 -13.95 -6.18 -7.16
CA LEU B 61 -13.79 -5.87 -8.60
C LEU B 61 -13.55 -4.40 -8.88
N LEU B 62 -12.48 -4.12 -9.60
CA LEU B 62 -12.21 -2.77 -10.06
C LEU B 62 -13.44 -2.10 -10.69
N ILE B 63 -14.11 -2.79 -11.62
CA ILE B 63 -15.30 -2.19 -12.29
C ILE B 63 -16.54 -2.04 -11.39
N ALA B 64 -16.52 -2.57 -10.15
CA ALA B 64 -17.66 -2.37 -9.26
C ALA B 64 -17.54 -1.09 -8.43
N ARG B 65 -16.46 -0.32 -8.61
CA ARG B 65 -16.20 0.91 -7.85
C ARG B 65 -17.11 2.00 -8.35
N ASP B 66 -17.69 2.77 -7.43
CA ASP B 66 -18.66 3.76 -7.81
C ASP B 66 -18.15 5.14 -7.59
N PRO B 67 -17.98 5.89 -8.69
CA PRO B 67 -17.33 7.16 -8.54
C PRO B 67 -18.13 8.13 -7.68
N ARG B 68 -19.44 7.88 -7.55
CA ARG B 68 -20.25 8.77 -6.73
C ARG B 68 -20.00 8.52 -5.25
N GLU B 69 -19.93 7.25 -4.87
CA GLU B 69 -19.57 6.86 -3.52
C GLU B 69 -18.16 7.33 -3.15
N ILE B 70 -17.23 7.20 -4.10
CA ILE B 70 -15.85 7.64 -3.91
C ILE B 70 -15.81 9.13 -3.63
N LYS B 71 -16.48 9.92 -4.49
CA LYS B 71 -16.60 11.37 -4.27
C LYS B 71 -17.23 11.68 -2.92
N ASN B 72 -18.35 11.00 -2.61
CA ASN B 72 -18.99 11.21 -1.30
C ASN B 72 -18.05 10.89 -0.15
N ALA B 73 -17.28 9.82 -0.31
CA ALA B 73 -16.28 9.49 0.72
C ALA B 73 -15.26 10.62 0.92
N ILE B 74 -14.78 11.22 -0.18
CA ILE B 74 -13.83 12.33 -0.07
C ILE B 74 -14.44 13.53 0.69
N GLU B 75 -15.67 13.88 0.33
CA GLU B 75 -16.40 14.97 0.99
C GLU B 75 -16.56 14.70 2.47
N LYS B 76 -16.87 13.44 2.78
CA LYS B 76 -17.02 13.04 4.18
C LYS B 76 -15.68 13.12 4.93
N SER B 77 -14.60 12.63 4.30
CA SER B 77 -13.29 12.76 4.90
C SER B 77 -12.97 14.27 5.22
N VAL B 78 -13.17 15.12 4.24
CA VAL B 78 -12.88 16.53 4.37
C VAL B 78 -13.66 17.22 5.48
N THR B 79 -14.94 16.90 5.57
CA THR B 79 -15.83 17.38 6.61
C THR B 79 -15.37 16.94 8.02
N ASP B 80 -14.96 15.67 8.16
CA ASP B 80 -14.40 15.13 9.41
C ASP B 80 -13.24 15.99 9.90
N PHE B 81 -12.47 16.56 8.98
CA PHE B 81 -11.37 17.41 9.36
C PHE B 81 -11.76 18.86 9.69
N GLY B 82 -13.03 19.19 9.52
CA GLY B 82 -13.50 20.56 9.71
C GLY B 82 -13.34 21.34 8.43
N GLY B 83 -13.15 20.66 7.30
CA GLY B 83 -13.11 21.35 6.02
C GLY B 83 -11.78 21.26 5.31
N LEU B 84 -11.74 21.73 4.07
CA LEU B 84 -10.61 21.46 3.21
C LEU B 84 -9.27 22.04 3.67
N GLU B 85 -9.33 23.23 4.28
CA GLU B 85 -8.14 23.97 4.67
C GLU B 85 -7.43 23.21 5.75
N ASN B 86 -8.21 22.68 6.71
CA ASN B 86 -7.65 21.89 7.78
C ASN B 86 -7.06 20.59 7.23
N TYR B 87 -7.77 20.00 6.29
CA TYR B 87 -7.32 18.76 5.66
C TYR B 87 -5.94 18.97 5.01
N LYS B 88 -5.79 20.07 4.27
CA LYS B 88 -4.50 20.39 3.63
C LYS B 88 -3.41 20.70 4.63
N GLU B 89 -3.78 21.45 5.68
CA GLU B 89 -2.86 21.81 6.73
C GLU B 89 -2.34 20.56 7.44
N LEU B 90 -3.19 19.54 7.62
CA LEU B 90 -2.73 18.30 8.29
C LEU B 90 -2.08 17.27 7.38
N THR B 91 -2.14 17.47 6.07
CA THR B 91 -1.60 16.43 5.19
C THR B 91 -0.66 17.02 4.10
N GLY B 92 -0.05 18.17 4.41
CA GLY B 92 0.93 18.83 3.55
C GLY B 92 0.43 19.82 2.51
N GLY B 93 -0.88 19.84 2.28
CA GLY B 93 -1.48 20.71 1.27
C GLY B 93 -2.19 20.02 0.11
N ALA B 94 -2.26 18.69 0.08
CA ALA B 94 -2.83 17.98 -1.07
C ALA B 94 -4.34 18.21 -1.10
N ASP B 95 -4.90 18.45 -2.29
CA ASP B 95 -6.34 18.58 -2.44
C ASP B 95 -6.83 17.17 -2.75
N PRO B 96 -7.70 16.60 -1.86
CA PRO B 96 -8.07 15.21 -2.08
C PRO B 96 -9.06 15.06 -3.22
N PHE B 97 -9.61 16.20 -3.67
CA PHE B 97 -10.47 16.27 -4.86
C PHE B 97 -9.73 16.31 -6.22
N ALA B 98 -8.42 16.57 -6.18
CA ALA B 98 -7.55 16.62 -7.38
C ALA B 98 -7.52 15.29 -8.13
N LEU B 99 -7.49 15.33 -9.46
CA LEU B 99 -7.18 14.12 -10.25
C LEU B 99 -5.83 13.55 -9.82
N MET B 100 -5.71 12.23 -9.63
CA MET B 100 -4.39 11.67 -9.26
C MET B 100 -3.61 11.04 -10.42
N THR B 101 -2.29 11.01 -10.31
CA THR B 101 -1.47 10.19 -11.17
C THR B 101 -0.72 9.27 -10.21
N PRO B 102 -0.93 7.95 -10.36
CA PRO B 102 -0.62 7.10 -9.23
C PRO B 102 0.89 6.87 -9.06
N VAL B 103 1.25 6.51 -7.84
CA VAL B 103 2.57 6.00 -7.54
C VAL B 103 2.66 4.54 -8.04
N CYS B 104 3.89 4.03 -8.11
CA CYS B 104 4.22 2.72 -8.67
C CYS B 104 3.34 1.54 -8.20
N GLY B 105 3.16 1.38 -6.88
CA GLY B 105 2.26 0.36 -6.33
C GLY B 105 0.82 0.53 -6.80
N LEU B 106 0.31 1.75 -6.72
CA LEU B 106 -1.06 2.00 -7.05
C LEU B 106 -1.35 1.76 -8.55
N SER B 107 -0.41 2.10 -9.44
CA SER B 107 -0.63 1.94 -10.86
C SER B 107 -0.46 0.47 -11.21
N ALA B 108 0.57 -0.16 -10.67
CA ALA B 108 0.77 -1.57 -10.92
C ALA B 108 -0.46 -2.41 -10.45
N ASN B 109 -0.93 -2.16 -9.22
CA ASN B 109 -2.05 -2.97 -8.66
C ASN B 109 -3.37 -2.83 -9.40
N ASN B 110 -3.69 -1.60 -9.79
CA ASN B 110 -4.93 -1.36 -10.51
C ASN B 110 -4.93 -1.83 -11.96
N ILE B 111 -3.82 -1.61 -12.67
CA ILE B 111 -3.71 -2.08 -14.05
C ILE B 111 -3.73 -3.60 -14.08
N PHE B 112 -3.10 -4.23 -13.10
CA PHE B 112 -3.15 -5.67 -12.96
C PHE B 112 -4.60 -6.16 -12.81
N LYS B 113 -5.39 -5.45 -12.00
CA LYS B 113 -6.79 -5.84 -11.82
C LYS B 113 -7.58 -5.63 -13.10
N LEU B 114 -7.39 -4.47 -13.74
CA LEU B 114 -8.01 -4.11 -15.02
C LEU B 114 -7.81 -5.19 -16.08
N MET B 115 -6.62 -5.76 -16.13
CA MET B 115 -6.25 -6.72 -17.17
C MET B 115 -6.76 -8.11 -16.90
N THR B 116 -6.83 -8.49 -15.63
CA THR B 116 -7.08 -9.88 -15.25
C THR B 116 -8.51 -10.14 -14.87
N GLU B 117 -9.25 -9.14 -14.38
CA GLU B 117 -10.55 -9.42 -13.76
C GLU B 117 -11.67 -9.67 -14.75
N LYS B 118 -12.45 -10.70 -14.42
CA LYS B 118 -13.67 -10.97 -15.13
C LYS B 118 -14.81 -10.79 -14.14
N ASP B 119 -15.07 -11.81 -13.34
CA ASP B 119 -16.22 -11.78 -12.44
C ASP B 119 -15.87 -11.89 -10.97
N VAL B 120 -14.68 -12.36 -10.66
CA VAL B 120 -14.27 -12.47 -9.26
C VAL B 120 -13.07 -11.57 -9.00
N PRO B 121 -13.14 -10.75 -7.94
CA PRO B 121 -12.06 -9.88 -7.51
C PRO B 121 -10.71 -10.60 -7.46
N ILE B 122 -9.69 -9.96 -7.98
CA ILE B 122 -8.33 -10.45 -7.83
C ILE B 122 -7.55 -9.37 -7.07
N ASP B 123 -7.03 -9.75 -5.93
CA ASP B 123 -6.30 -8.82 -5.09
C ASP B 123 -4.81 -9.03 -5.32
N PRO B 124 -4.14 -8.13 -6.08
CA PRO B 124 -2.72 -8.37 -6.43
C PRO B 124 -1.77 -8.36 -5.24
N THR B 125 -2.11 -7.62 -4.20
CA THR B 125 -1.32 -7.65 -2.97
C THR B 125 -1.60 -8.94 -2.17
N SER B 126 -2.75 -9.56 -2.38
CA SER B 126 -3.06 -10.82 -1.69
C SER B 126 -2.71 -12.13 -2.43
N ILE B 127 -2.17 -12.09 -3.66
CA ILE B 127 -1.91 -13.33 -4.43
C ILE B 127 -0.58 -13.97 -4.10
N GLU B 128 -0.34 -15.19 -4.61
CA GLU B 128 0.93 -15.87 -4.38
C GLU B 128 2.03 -15.31 -5.26
N TYR B 129 3.13 -14.86 -4.64
CA TYR B 129 4.30 -14.34 -5.36
C TYR B 129 5.38 -15.38 -5.38
N LEU B 130 6.18 -15.40 -6.44
CA LEU B 130 7.33 -16.28 -6.49
C LEU B 130 8.51 -15.48 -5.95
N GLU B 131 9.26 -16.13 -5.07
CA GLU B 131 10.31 -15.47 -4.32
C GLU B 131 11.64 -16.15 -4.53
N ASN B 132 11.63 -17.26 -5.23
CA ASN B 132 12.78 -18.15 -5.36
C ASN B 132 12.81 -18.85 -6.73
N THR B 133 12.25 -18.20 -7.75
CA THR B 133 12.20 -18.73 -9.09
C THR B 133 12.76 -17.73 -10.08
N SER B 134 13.51 -18.24 -11.04
CA SER B 134 14.04 -17.45 -12.12
C SER B 134 12.91 -16.94 -13.06
N PHE B 135 13.08 -15.75 -13.63
CA PHE B 135 12.10 -15.18 -14.55
C PHE B 135 12.05 -16.04 -15.82
N ALA B 136 13.24 -16.34 -16.34
CA ALA B 136 13.45 -17.34 -17.37
C ALA B 136 12.71 -18.64 -17.07
N GLU B 137 13.05 -19.29 -15.94
CA GLU B 137 12.37 -20.52 -15.52
C GLU B 137 10.86 -20.33 -15.61
N HIS B 138 10.38 -19.20 -15.15
CA HIS B 138 8.95 -19.03 -15.03
C HIS B 138 8.28 -18.82 -16.40
N VAL B 139 8.88 -17.96 -17.23
CA VAL B 139 8.43 -17.73 -18.59
C VAL B 139 8.45 -19.04 -19.40
N ASN B 140 9.31 -19.98 -19.00
CA ASN B 140 9.36 -21.28 -19.64
C ASN B 140 8.10 -22.09 -19.42
N THR B 141 7.52 -21.99 -18.23
CA THR B 141 6.32 -22.73 -17.85
C THR B 141 5.04 -22.22 -18.53
N LEU B 142 5.16 -21.15 -19.30
CA LEU B 142 4.00 -20.38 -19.76
C LEU B 142 3.41 -20.92 -21.05
N ASP B 143 2.08 -20.92 -21.13
CA ASP B 143 1.44 -21.34 -22.40
C ASP B 143 1.66 -20.33 -23.54
N SER B 144 2.26 -20.82 -24.61
CA SER B 144 2.49 -20.03 -25.80
C SER B 144 1.23 -19.32 -26.34
N HIS B 145 0.07 -19.85 -26.02
CA HIS B 145 -1.12 -19.38 -26.71
C HIS B 145 -1.89 -18.42 -25.86
N LYS B 146 -1.50 -18.31 -24.59
CA LYS B 146 -2.17 -17.42 -23.63
C LYS B 146 -1.42 -16.10 -23.27
N ASN B 147 -2.19 -15.13 -22.82
CA ASN B 147 -1.62 -13.86 -22.36
C ASN B 147 -1.39 -13.98 -20.90
N TYR B 148 -0.27 -13.41 -20.44
CA TYR B 148 -0.01 -13.25 -19.00
C TYR B 148 0.48 -11.84 -18.68
N VAL B 149 0.21 -11.38 -17.47
CA VAL B 149 0.82 -10.19 -16.89
C VAL B 149 1.52 -10.58 -15.57
N VAL B 150 2.67 -9.96 -15.34
CA VAL B 150 3.50 -10.28 -14.15
C VAL B 150 3.62 -8.97 -13.36
N ILE B 151 3.22 -9.02 -12.09
CA ILE B 151 3.39 -7.85 -11.22
C ILE B 151 4.70 -8.09 -10.49
N VAL B 152 5.64 -7.16 -10.61
CA VAL B 152 6.97 -7.31 -10.03
C VAL B 152 7.10 -6.43 -8.79
N ASN B 153 7.42 -7.04 -7.64
CA ASN B 153 7.81 -6.25 -6.46
C ASN B 153 9.33 -6.32 -6.25
N ASP B 154 10.02 -5.28 -6.70
CA ASP B 154 11.48 -5.29 -6.71
C ASP B 154 11.99 -4.51 -5.48
N GLY B 155 12.44 -5.25 -4.45
CA GLY B 155 12.98 -4.66 -3.18
C GLY B 155 14.31 -3.93 -3.34
N ARG B 156 15.09 -4.36 -4.33
CA ARG B 156 16.36 -3.71 -4.68
C ARG B 156 16.13 -2.30 -5.21
N LEU B 157 15.06 -2.11 -5.99
CA LEU B 157 14.78 -0.80 -6.59
C LEU B 157 13.80 -0.01 -5.75
N GLY B 158 13.14 -0.71 -4.83
CA GLY B 158 12.03 -0.14 -4.06
C GLY B 158 10.94 0.26 -5.03
N HIS B 159 10.63 -0.65 -5.98
CA HIS B 159 9.74 -0.33 -7.11
C HIS B 159 8.78 -1.49 -7.46
N LYS B 160 7.52 -1.15 -7.73
CA LYS B 160 6.54 -2.06 -8.31
C LYS B 160 6.19 -1.68 -9.76
N PHE B 161 6.16 -2.69 -10.63
CA PHE B 161 5.83 -2.53 -12.07
C PHE B 161 5.22 -3.81 -12.68
N LEU B 162 4.70 -3.68 -13.91
CA LEU B 162 4.10 -4.82 -14.63
C LEU B 162 4.91 -5.20 -15.86
N ILE B 163 5.01 -6.51 -16.08
CA ILE B 163 5.49 -7.06 -17.32
C ILE B 163 4.31 -7.73 -18.05
N ASP B 164 3.97 -7.19 -19.21
CA ASP B 164 2.86 -7.67 -20.01
C ASP B 164 3.44 -8.70 -21.00
N LEU B 165 2.86 -9.91 -21.01
CA LEU B 165 3.33 -11.00 -21.88
C LEU B 165 2.12 -11.41 -22.75
N PRO B 166 1.81 -10.59 -23.75
CA PRO B 166 0.69 -11.01 -24.62
C PRO B 166 1.06 -12.16 -25.58
N ALA B 167 0.10 -13.04 -25.88
CA ALA B 167 0.24 -13.99 -26.99
C ALA B 167 0.10 -13.25 -28.31
N LEU B 168 1.20 -13.05 -29.04
CA LEU B 168 1.12 -12.27 -30.31
C LEU B 168 0.99 -13.10 -31.60
N PRO B 172 8.60 -17.18 -29.99
CA PRO B 172 9.50 -16.15 -29.49
C PRO B 172 8.72 -15.10 -28.69
N ARG B 173 8.59 -15.32 -27.37
CA ARG B 173 7.73 -14.52 -26.50
C ARG B 173 8.04 -13.00 -26.52
N THR B 174 7.04 -12.16 -26.42
CA THR B 174 7.31 -10.74 -26.39
C THR B 174 6.92 -10.05 -25.06
N ALA B 175 7.73 -9.11 -24.58
CA ALA B 175 7.47 -8.48 -23.26
C ALA B 175 7.36 -6.95 -23.30
N TYR B 176 6.38 -6.40 -22.59
CA TYR B 176 6.23 -4.95 -22.47
C TYR B 176 6.19 -4.51 -21.01
N ILE B 177 6.62 -3.29 -20.72
CA ILE B 177 6.62 -2.78 -19.36
C ILE B 177 5.49 -1.79 -19.20
N ILE B 178 4.79 -1.85 -18.08
CA ILE B 178 3.83 -0.81 -17.71
C ILE B 178 4.19 -0.41 -16.28
N GLN B 179 4.37 0.88 -16.03
CA GLN B 179 4.80 1.35 -14.70
C GLN B 179 4.53 2.84 -14.52
N SER B 180 4.62 3.30 -13.28
CA SER B 180 4.83 4.72 -13.00
C SER B 180 5.83 4.76 -11.87
N ASP B 181 6.39 5.93 -11.62
CA ASP B 181 7.45 6.10 -10.63
C ASP B 181 7.33 7.58 -10.26
N LEU B 182 7.17 7.86 -8.98
CA LEU B 182 7.18 9.24 -8.55
C LEU B 182 8.59 9.84 -8.39
N GLY B 183 9.65 9.03 -8.58
CA GLY B 183 11.02 9.55 -8.50
C GLY B 183 11.64 9.36 -7.10
N GLY B 184 12.90 9.80 -6.95
CA GLY B 184 13.54 9.63 -5.68
C GLY B 184 14.51 8.46 -5.58
N GLY B 185 14.24 7.35 -6.27
CA GLY B 185 15.16 6.18 -6.21
C GLY B 185 16.11 6.13 -7.38
N ALA B 186 16.56 4.93 -7.76
CA ALA B 186 17.45 4.76 -8.90
C ALA B 186 16.98 5.40 -10.21
N LEU B 187 15.66 5.44 -10.42
CA LEU B 187 15.10 5.91 -11.71
C LEU B 187 14.43 7.26 -11.57
N PRO B 188 14.44 8.08 -12.64
CA PRO B 188 13.71 9.36 -12.67
C PRO B 188 12.18 9.16 -12.59
N ALA B 189 11.45 10.17 -12.08
CA ALA B 189 9.99 10.13 -12.09
C ALA B 189 9.43 9.92 -13.48
N VAL B 190 8.40 9.09 -13.58
CA VAL B 190 7.70 8.96 -14.86
C VAL B 190 6.21 8.68 -14.61
N ARG B 191 5.35 9.49 -15.22
CA ARG B 191 3.90 9.32 -15.13
C ARG B 191 3.47 8.13 -15.98
N VAL B 192 2.47 7.39 -15.48
CA VAL B 192 1.97 6.20 -16.17
C VAL B 192 1.55 6.54 -17.64
N GLU B 193 0.85 7.67 -17.80
CA GLU B 193 0.48 8.25 -19.10
C GLU B 193 1.64 8.47 -20.03
N ASP B 194 2.70 9.12 -19.54
CA ASP B 194 3.88 9.37 -20.37
C ASP B 194 4.59 8.07 -20.77
N TRP B 195 4.77 7.18 -19.81
CA TRP B 195 5.40 5.88 -20.02
C TRP B 195 4.71 5.09 -21.13
N ILE B 196 3.39 4.94 -21.00
CA ILE B 196 2.57 4.18 -21.97
C ILE B 196 2.64 4.85 -23.31
N SER B 197 2.50 6.16 -23.29
CA SER B 197 2.61 6.88 -24.52
C SER B 197 3.94 6.63 -25.27
N ARG B 198 5.08 6.73 -24.59
CA ARG B 198 6.39 6.59 -25.26
C ARG B 198 6.87 5.16 -25.38
N ARG B 199 6.66 4.37 -24.36
CA ARG B 199 7.31 3.07 -24.32
C ARG B 199 6.33 1.91 -24.14
N GLY B 200 5.04 2.21 -24.23
CA GLY B 200 3.99 1.21 -23.97
C GLY B 200 3.95 0.04 -24.95
N SER B 201 4.32 0.30 -26.18
CA SER B 201 4.46 -0.76 -27.17
C SER B 201 5.89 -0.89 -27.60
N ASP B 202 6.80 -0.63 -26.67
CA ASP B 202 8.21 -0.85 -26.94
C ASP B 202 8.64 -2.19 -26.30
N PRO B 203 8.86 -3.24 -27.13
CA PRO B 203 9.13 -4.54 -26.55
C PRO B 203 10.48 -4.55 -25.82
N VAL B 204 10.54 -5.32 -24.76
CA VAL B 204 11.73 -5.42 -23.95
C VAL B 204 12.31 -6.83 -24.05
N SER B 205 13.62 -6.88 -24.31
CA SER B 205 14.33 -8.14 -24.35
C SER B 205 14.10 -8.99 -23.11
N LEU B 206 13.69 -10.25 -23.28
CA LEU B 206 13.47 -11.15 -22.14
C LEU B 206 14.80 -11.55 -21.46
N ASP B 207 15.88 -11.56 -22.22
CA ASP B 207 17.16 -11.87 -21.64
C ASP B 207 17.53 -10.75 -20.66
N GLU B 208 17.32 -9.50 -21.08
CA GLU B 208 17.52 -8.36 -20.18
C GLU B 208 16.62 -8.42 -18.94
N LEU B 209 15.33 -8.72 -19.13
CA LEU B 209 14.43 -8.87 -17.99
C LEU B 209 14.91 -9.99 -17.10
N ASN B 210 15.36 -11.08 -17.72
CA ASN B 210 15.94 -12.16 -16.94
C ASN B 210 17.11 -11.73 -16.05
N GLN B 211 18.02 -10.93 -16.59
CA GLN B 211 19.17 -10.49 -15.81
C GLN B 211 18.77 -9.50 -14.73
N LEU B 212 17.87 -8.58 -15.06
CA LEU B 212 17.39 -7.62 -14.05
C LEU B 212 16.65 -8.36 -12.93
N LEU B 213 15.81 -9.33 -13.30
CA LEU B 213 14.99 -9.98 -12.29
C LEU B 213 15.79 -11.05 -11.55
N SER B 214 17.07 -11.10 -11.81
CA SER B 214 17.88 -12.09 -11.17
C SER B 214 18.35 -11.63 -9.79
N LYS B 215 18.58 -12.60 -8.92
CA LYS B 215 19.22 -12.31 -7.64
C LYS B 215 20.68 -11.97 -7.91
N ASP B 216 21.21 -12.46 -9.02
CA ASP B 216 22.55 -12.04 -9.48
C ASP B 216 22.66 -10.58 -9.95
N PHE B 217 21.53 -9.88 -10.00
CA PHE B 217 21.52 -8.48 -10.41
C PHE B 217 22.39 -7.63 -9.50
N SER B 218 22.35 -7.95 -8.22
CA SER B 218 22.89 -7.05 -7.20
C SER B 218 24.42 -7.05 -7.20
N LYS B 219 25.00 -8.16 -7.69
CA LYS B 219 26.44 -8.31 -7.79
C LYS B 219 27.03 -7.91 -9.17
N MET B 220 26.19 -7.59 -10.16
CA MET B 220 26.68 -7.19 -11.49
C MET B 220 27.43 -5.85 -11.46
N PRO B 221 28.31 -5.60 -12.43
CA PRO B 221 29.01 -4.31 -12.34
C PRO B 221 28.09 -3.12 -12.52
N ASP B 222 28.48 -2.00 -11.89
CA ASP B 222 27.67 -0.81 -11.79
C ASP B 222 27.14 -0.40 -13.14
N ASP B 223 28.02 -0.44 -14.15
CA ASP B 223 27.63 -0.05 -15.50
C ASP B 223 26.54 -0.96 -16.09
N VAL B 224 26.60 -2.25 -15.79
CA VAL B 224 25.64 -3.24 -16.32
C VAL B 224 24.28 -3.00 -15.68
N GLN B 225 24.27 -2.79 -14.37
CA GLN B 225 23.06 -2.45 -13.62
C GLN B 225 22.43 -1.15 -14.14
N THR B 226 23.28 -0.12 -14.30
CA THR B 226 22.86 1.16 -14.88
C THR B 226 22.26 1.03 -16.29
N ARG B 227 22.93 0.28 -17.16
CA ARG B 227 22.41 0.15 -18.53
C ARG B 227 21.14 -0.70 -18.61
N LEU B 228 21.08 -1.75 -17.80
CA LEU B 228 19.93 -2.63 -17.74
C LEU B 228 18.68 -1.84 -17.23
N LEU B 229 18.86 -0.99 -16.21
CA LEU B 229 17.73 -0.18 -15.69
C LEU B 229 17.25 0.85 -16.67
N ALA B 230 18.18 1.49 -17.37
CA ALA B 230 17.85 2.48 -18.39
C ALA B 230 17.12 1.83 -19.54
N SER B 231 17.63 0.68 -19.97
CA SER B 231 17.09 -0.01 -21.12
C SER B 231 15.65 -0.45 -20.87
N ILE B 232 15.39 -1.04 -19.71
CA ILE B 232 14.06 -1.57 -19.45
C ILE B 232 13.03 -0.50 -18.93
N LEU B 233 13.53 0.41 -18.10
CA LEU B 233 12.69 1.18 -17.18
C LEU B 233 12.80 2.68 -17.26
N GLN B 234 13.56 3.20 -18.21
CA GLN B 234 13.75 4.64 -18.30
C GLN B 234 13.24 5.06 -19.66
N ILE B 235 12.48 6.14 -19.65
CA ILE B 235 11.65 6.50 -20.80
C ILE B 235 12.44 6.79 -22.09
N ASP B 236 13.65 7.35 -21.94
CA ASP B 236 14.52 7.70 -23.08
C ASP B 236 15.64 6.67 -23.24
N LYS B 237 15.52 5.54 -22.53
CA LYS B 237 16.58 4.54 -22.41
C LYS B 237 17.95 5.18 -22.15
N ASP B 238 17.99 6.12 -21.22
CA ASP B 238 19.15 7.00 -21.06
C ASP B 238 19.82 6.77 -19.72
N PRO B 239 21.02 6.19 -19.72
CA PRO B 239 21.67 5.79 -18.47
C PRO B 239 22.13 6.97 -17.62
N HIS B 240 22.28 8.13 -18.26
CA HIS B 240 22.62 9.37 -17.57
C HIS B 240 21.52 9.80 -16.62
N LYS B 241 20.32 9.30 -16.80
CA LYS B 241 19.18 9.62 -15.91
C LYS B 241 18.99 8.62 -14.77
N VAL B 242 19.87 7.61 -14.69
CA VAL B 242 19.74 6.53 -13.73
C VAL B 242 20.81 6.69 -12.67
N ASP B 243 20.47 6.42 -11.42
CA ASP B 243 21.40 6.60 -10.30
C ASP B 243 21.45 5.34 -9.48
N ILE B 244 22.39 4.45 -9.81
CA ILE B 244 22.41 3.13 -9.18
C ILE B 244 22.80 3.14 -7.69
N LYS B 245 23.34 4.27 -7.22
CA LYS B 245 23.69 4.37 -5.79
C LYS B 245 22.48 4.26 -4.87
N LYS B 246 21.29 4.53 -5.41
CA LYS B 246 20.03 4.36 -4.70
C LYS B 246 19.56 2.93 -4.56
N LEU B 247 20.22 1.99 -5.21
CA LEU B 247 19.85 0.61 -5.11
C LEU B 247 20.03 0.13 -3.66
N HIS B 248 19.03 -0.55 -3.10
N HIS B 248 19.06 -0.59 -3.13
CA HIS B 248 19.27 -1.31 -1.88
CA HIS B 248 19.26 -1.26 -1.85
C HIS B 248 19.66 -2.68 -2.31
C HIS B 248 19.65 -2.68 -2.22
N LEU B 249 20.96 -2.91 -2.30
CA LEU B 249 21.51 -4.13 -2.91
C LEU B 249 21.17 -5.44 -2.20
N ASP B 250 20.66 -5.35 -0.97
CA ASP B 250 20.17 -6.54 -0.28
C ASP B 250 18.66 -6.72 -0.43
N GLY B 251 18.00 -5.74 -1.07
CA GLY B 251 16.54 -5.73 -1.29
C GLY B 251 15.95 -7.03 -1.81
N LYS B 252 14.67 -7.25 -1.60
CA LYS B 252 14.07 -8.49 -2.04
C LYS B 252 13.49 -8.35 -3.47
N LEU B 253 13.50 -9.43 -4.25
CA LEU B 253 12.75 -9.50 -5.52
C LEU B 253 11.66 -10.59 -5.48
N ARG B 254 10.39 -10.19 -5.63
CA ARG B 254 9.28 -11.15 -5.73
C ARG B 254 8.40 -10.77 -6.94
N PHE B 255 7.80 -11.76 -7.59
CA PHE B 255 6.89 -11.49 -8.71
C PHE B 255 5.72 -12.45 -8.78
N ALA B 256 4.61 -12.00 -9.35
CA ALA B 256 3.43 -12.84 -9.50
C ALA B 256 2.82 -12.68 -10.90
N SER B 257 2.40 -13.79 -11.50
CA SER B 257 1.83 -13.73 -12.83
C SER B 257 0.38 -14.20 -12.80
N HIS B 258 -0.39 -13.78 -13.79
CA HIS B 258 -1.73 -14.23 -13.92
C HIS B 258 -2.10 -14.13 -15.40
N GLU B 259 -2.88 -15.12 -15.82
CA GLU B 259 -3.40 -15.14 -17.19
C GLU B 259 -4.41 -14.06 -17.30
N TYR B 260 -4.53 -13.50 -18.49
CA TYR B 260 -5.63 -12.64 -18.77
C TYR B 260 -6.15 -12.89 -20.16
N ASP B 261 -7.42 -12.55 -20.36
CA ASP B 261 -8.04 -12.54 -21.67
C ASP B 261 -8.06 -11.14 -22.25
N PHE B 262 -7.54 -11.07 -23.47
CA PHE B 262 -7.39 -9.80 -24.11
C PHE B 262 -8.72 -9.06 -24.30
N ARG B 263 -9.77 -9.76 -24.74
CA ARG B 263 -11.05 -9.06 -24.87
C ARG B 263 -11.66 -8.62 -23.51
N GLN B 264 -11.55 -9.45 -22.48
CA GLN B 264 -12.00 -9.03 -21.13
C GLN B 264 -11.33 -7.73 -20.67
N PHE B 265 -10.02 -7.63 -20.91
CA PHE B 265 -9.23 -6.43 -20.63
C PHE B 265 -9.82 -5.26 -21.37
N GLN B 266 -10.02 -5.39 -22.69
CA GLN B 266 -10.57 -4.24 -23.44
C GLN B 266 -11.94 -3.83 -22.93
N ARG B 267 -12.77 -4.80 -22.54
CA ARG B 267 -14.08 -4.51 -21.95
C ARG B 267 -13.98 -3.75 -20.61
N ASN B 268 -13.05 -4.17 -19.75
CA ASN B 268 -12.81 -3.55 -18.44
C ASN B 268 -12.33 -2.14 -18.67
N ALA B 269 -11.34 -2.00 -19.55
CA ALA B 269 -10.78 -0.69 -19.89
C ALA B 269 -11.82 0.28 -20.45
N GLN B 270 -12.65 -0.19 -21.41
CA GLN B 270 -13.63 0.70 -22.03
C GLN B 270 -14.72 1.03 -21.00
N TYR B 271 -15.08 0.07 -20.16
CA TYR B 271 -16.01 0.43 -19.08
C TYR B 271 -15.51 1.63 -18.21
N VAL B 272 -14.26 1.53 -17.74
CA VAL B 272 -13.68 2.59 -16.93
C VAL B 272 -13.56 3.89 -17.74
N ALA B 273 -13.05 3.76 -18.96
CA ALA B 273 -12.86 4.90 -19.84
C ALA B 273 -14.12 5.70 -20.14
N GLY B 274 -15.27 5.05 -20.21
CA GLY B 274 -16.46 5.80 -20.60
C GLY B 274 -17.29 6.30 -19.45
N LEU B 275 -16.72 6.32 -18.23
CA LEU B 275 -17.41 6.81 -17.02
C LEU B 275 -17.54 8.32 -17.01
#